data_5FTB
#
_entry.id   5FTB
#
_cell.length_a   67.238
_cell.length_b   74.930
_cell.length_c   107.729
_cell.angle_alpha   90.00
_cell.angle_beta   90.00
_cell.angle_gamma   90.00
#
_symmetry.space_group_name_H-M   'P 21 21 21'
#
loop_
_entity.id
_entity.type
_entity.pdbx_description
1 polymer 'TPR DOMAIN PROTEIN'
2 non-polymer 'POTASSIUM ION'
3 non-polymer 'PHOSPHOAMINOPHOSPHONIC ACID-ADENYLATE ESTER'
4 non-polymer 'MAGNESIUM ION'
5 water water
#
_entity_poly.entity_id   1
_entity_poly.type   'polypeptide(L)'
_entity_poly.pdbx_seq_one_letter_code
;MEDMILTEEMQKIMNLIQDDENNVFVTGKAGSGKTTFLKYLIEKSGKNCIVAAPTGIAAINAGGVTLHSLFGIPFGPITP
YDRLENKFSEYKVELLLKMELLIIDEISMVRPDILDTIDRKLRWVYESDEPFGGVQVIMFGDLFQLPPVTKKQEREILSD
FYDGFFFFNALVFKRTGFHIVELTKIFRQTEPEFINVLNNIRNYQVTSDELDLLSELKDRKISSSYDNEYIHICTHKADV
EKINADKLGEQEIRNYDIVIKDKFPESSIPCDLHLKLRVGARVMSLVNDSLKGYYNGMLGIVTALEDNVITVRMDNGRTI
KFERYTWSNTQYTLKDNEIVKEEIGSCTQFPLTLAWAITIHKSQGLTFDKIIIHVSHTFCPGQLYVALSRCRTLEGIVSD
AFITKQMIIPEYALIDFERAYKSEGNYYGKRLD
;
_entity_poly.pdbx_strand_id   A
#
# COMPACT_ATOMS: atom_id res chain seq x y z
N ASP A 3 -17.68 7.59 13.36
CA ASP A 3 -17.09 8.38 12.30
C ASP A 3 -17.27 7.71 10.94
N MET A 4 -17.09 6.39 10.91
CA MET A 4 -17.12 5.65 9.67
C MET A 4 -18.51 5.60 9.03
N ILE A 5 -18.56 5.85 7.74
CA ILE A 5 -19.76 5.66 6.93
C ILE A 5 -19.61 4.34 6.19
N LEU A 6 -20.67 3.55 6.16
CA LEU A 6 -20.72 2.37 5.31
C LEU A 6 -21.53 2.70 4.09
N THR A 7 -20.84 2.91 2.98
CA THR A 7 -21.49 3.27 1.73
C THR A 7 -22.20 2.05 1.12
N GLU A 8 -23.02 2.29 0.11
CA GLU A 8 -23.68 1.20 -0.59
C GLU A 8 -22.69 0.21 -1.18
N GLU A 9 -21.56 0.70 -1.67
CA GLU A 9 -20.52 -0.18 -2.21
C GLU A 9 -19.89 -1.05 -1.13
N MET A 10 -19.67 -0.47 0.06
CA MET A 10 -19.13 -1.24 1.18
C MET A 10 -20.13 -2.30 1.64
N GLN A 11 -21.40 -1.93 1.67
CA GLN A 11 -22.47 -2.87 1.97
C GLN A 11 -22.50 -4.02 0.97
N LYS A 12 -22.30 -3.70 -0.31
CA LYS A 12 -22.28 -4.73 -1.35
C LYS A 12 -21.18 -5.75 -1.08
N ILE A 13 -20.00 -5.27 -0.69
CA ILE A 13 -18.89 -6.16 -0.37
C ILE A 13 -19.28 -7.11 0.77
N MET A 14 -19.81 -6.55 1.85
CA MET A 14 -20.21 -7.36 2.99
C MET A 14 -21.32 -8.33 2.62
N ASN A 15 -22.24 -7.89 1.76
CA ASN A 15 -23.30 -8.77 1.31
C ASN A 15 -22.74 -9.96 0.52
N LEU A 16 -21.81 -9.68 -0.39
CA LEU A 16 -21.19 -10.72 -1.20
C LEU A 16 -20.50 -11.77 -0.34
N ILE A 17 -19.80 -11.34 0.70
CA ILE A 17 -18.98 -12.30 1.43
C ILE A 17 -19.78 -13.11 2.45
N GLN A 18 -21.08 -12.83 2.60
CA GLN A 18 -21.95 -13.72 3.38
C GLN A 18 -21.99 -15.13 2.79
N ASP A 19 -21.78 -15.23 1.48
CA ASP A 19 -21.64 -16.51 0.81
C ASP A 19 -20.15 -16.80 0.75
N ASP A 20 -19.72 -17.84 1.47
CA ASP A 20 -18.30 -18.13 1.62
C ASP A 20 -17.67 -18.67 0.33
N GLU A 21 -18.48 -18.91 -0.69
CA GLU A 21 -17.95 -19.30 -2.00
C GLU A 21 -17.49 -18.11 -2.84
N ASN A 22 -17.87 -16.90 -2.45
CA ASN A 22 -17.52 -15.72 -3.23
C ASN A 22 -16.15 -15.16 -2.93
N ASN A 23 -15.29 -15.13 -3.93
CA ASN A 23 -14.03 -14.39 -3.84
C ASN A 23 -14.30 -12.97 -4.30
N VAL A 24 -13.57 -12.00 -3.74
CA VAL A 24 -13.84 -10.59 -4.02
C VAL A 24 -12.53 -9.82 -4.12
N PHE A 25 -12.47 -8.95 -5.12
CA PHE A 25 -11.44 -7.93 -5.27
C PHE A 25 -12.06 -6.58 -4.93
N VAL A 26 -11.52 -5.93 -3.91
CA VAL A 26 -11.94 -4.60 -3.49
C VAL A 26 -10.90 -3.61 -3.94
N THR A 27 -11.34 -2.65 -4.74
CA THR A 27 -10.47 -1.58 -5.19
C THR A 27 -11.21 -0.26 -5.04
N GLY A 28 -10.67 0.82 -5.55
CA GLY A 28 -11.32 2.11 -5.40
C GLY A 28 -10.43 3.25 -5.81
N LYS A 29 -11.07 4.39 -6.09
CA LYS A 29 -10.36 5.61 -6.43
C LYS A 29 -9.43 5.99 -5.29
N ALA A 30 -8.44 6.81 -5.59
CA ALA A 30 -7.56 7.29 -4.52
C ALA A 30 -8.38 7.93 -3.41
N GLY A 31 -8.10 7.57 -2.16
CA GLY A 31 -8.74 8.20 -1.01
C GLY A 31 -10.21 7.86 -0.83
N SER A 32 -10.60 6.65 -1.23
CA SER A 32 -11.99 6.18 -1.17
C SER A 32 -12.25 5.22 -0.02
N GLY A 33 -11.26 5.01 0.83
CA GLY A 33 -11.46 4.18 2.03
C GLY A 33 -11.09 2.72 1.89
N LYS A 34 -10.24 2.37 0.93
CA LYS A 34 -9.80 0.97 0.81
C LYS A 34 -9.13 0.44 2.07
N THR A 35 -8.17 1.18 2.60
CA THR A 35 -7.44 0.73 3.79
C THR A 35 -8.34 0.70 5.02
N THR A 36 -9.17 1.72 5.17
CA THR A 36 -10.08 1.79 6.31
C THR A 36 -11.08 0.64 6.24
N PHE A 37 -11.60 0.34 5.06
CA PHE A 37 -12.58 -0.71 4.94
C PHE A 37 -11.91 -2.08 5.14
N LEU A 38 -10.67 -2.24 4.70
CA LEU A 38 -9.91 -3.46 4.99
C LEU A 38 -9.87 -3.72 6.50
N LYS A 39 -9.54 -2.70 7.27
CA LYS A 39 -9.44 -2.85 8.72
C LYS A 39 -10.81 -3.22 9.30
N TYR A 40 -11.88 -2.62 8.78
CA TYR A 40 -13.24 -2.97 9.17
C TYR A 40 -13.55 -4.45 8.89
N LEU A 41 -13.27 -4.89 7.66
CA LEU A 41 -13.57 -6.25 7.24
C LEU A 41 -12.81 -7.27 8.08
N ILE A 42 -11.53 -6.99 8.35
CA ILE A 42 -10.73 -7.90 9.17
C ILE A 42 -11.36 -8.09 10.54
N GLU A 43 -11.81 -7.00 11.14
CA GLU A 43 -12.44 -7.07 12.46
C GLU A 43 -13.71 -7.91 12.44
N LYS A 44 -14.38 -7.95 11.29
CA LYS A 44 -15.62 -8.72 11.13
C LYS A 44 -15.42 -10.13 10.57
N SER A 45 -14.16 -10.54 10.38
CA SER A 45 -13.86 -11.70 9.54
C SER A 45 -13.78 -13.07 10.23
N GLY A 46 -14.07 -13.14 11.52
CA GLY A 46 -14.19 -14.43 12.20
C GLY A 46 -12.87 -15.06 12.60
N LYS A 47 -12.91 -16.33 13.00
CA LYS A 47 -11.81 -16.94 13.73
C LYS A 47 -10.98 -17.97 12.97
N ASN A 48 -11.18 -18.05 11.65
CA ASN A 48 -10.35 -18.89 10.79
C ASN A 48 -9.87 -18.10 9.57
N CYS A 49 -9.44 -16.87 9.84
CA CYS A 49 -9.02 -15.94 8.81
C CYS A 49 -7.54 -15.61 8.98
N ILE A 50 -6.83 -15.55 7.85
CA ILE A 50 -5.44 -15.11 7.83
C ILE A 50 -5.33 -13.89 6.92
N VAL A 51 -4.65 -12.87 7.41
CA VAL A 51 -4.36 -11.67 6.64
C VAL A 51 -2.90 -11.69 6.18
N ALA A 52 -2.70 -11.43 4.89
CA ALA A 52 -1.36 -11.43 4.33
C ALA A 52 -1.15 -10.25 3.39
N ALA A 53 0.11 -9.97 3.09
CA ALA A 53 0.45 -8.91 2.15
C ALA A 53 1.77 -9.27 1.47
N PRO A 54 2.08 -8.65 0.32
CA PRO A 54 3.26 -9.09 -0.41
C PRO A 54 4.58 -8.55 0.11
N THR A 55 4.56 -7.49 0.91
CA THR A 55 5.79 -6.98 1.52
C THR A 55 5.68 -6.93 3.02
N GLY A 56 6.84 -6.88 3.66
CA GLY A 56 6.92 -6.86 5.11
C GLY A 56 6.23 -5.68 5.77
N ILE A 57 6.51 -4.47 5.29
CA ILE A 57 5.88 -3.30 5.89
C ILE A 57 4.37 -3.35 5.70
N ALA A 58 3.92 -3.76 4.51
CA ALA A 58 2.49 -3.88 4.26
C ALA A 58 1.85 -4.90 5.22
N ALA A 59 2.54 -6.00 5.50
CA ALA A 59 2.02 -7.00 6.41
C ALA A 59 1.95 -6.45 7.84
N ILE A 60 3.01 -5.77 8.27
CA ILE A 60 3.01 -5.17 9.60
C ILE A 60 1.85 -4.17 9.70
N ASN A 61 1.68 -3.34 8.67
CA ASN A 61 0.61 -2.34 8.68
C ASN A 61 -0.77 -2.98 8.77
N ALA A 62 -0.91 -4.15 8.16
CA ALA A 62 -2.20 -4.84 8.11
C ALA A 62 -2.40 -5.77 9.31
N GLY A 63 -1.37 -5.92 10.14
CA GLY A 63 -1.45 -6.82 11.27
C GLY A 63 -1.39 -8.27 10.87
N GLY A 64 -0.81 -8.54 9.71
CA GLY A 64 -0.74 -9.89 9.18
C GLY A 64 0.69 -10.33 8.88
N VAL A 65 0.81 -11.22 7.91
CA VAL A 65 2.09 -11.85 7.59
C VAL A 65 2.39 -11.71 6.11
N THR A 66 3.66 -11.88 5.73
CA THR A 66 3.98 -11.83 4.30
C THR A 66 3.54 -13.11 3.61
N LEU A 67 3.16 -12.97 2.35
CA LEU A 67 2.79 -14.12 1.53
C LEU A 67 3.98 -15.08 1.43
N HIS A 68 5.18 -14.52 1.34
CA HIS A 68 6.38 -15.34 1.19
C HIS A 68 6.60 -16.24 2.41
N SER A 69 6.41 -15.70 3.61
CA SER A 69 6.62 -16.49 4.81
C SER A 69 5.49 -17.50 5.02
N LEU A 70 4.25 -17.07 4.75
CA LEU A 70 3.09 -17.92 4.98
C LEU A 70 3.13 -19.16 4.07
N PHE A 71 3.46 -18.95 2.80
CA PHE A 71 3.39 -20.01 1.80
C PHE A 71 4.75 -20.52 1.33
N GLY A 72 5.83 -20.00 1.90
CA GLY A 72 7.18 -20.43 1.53
C GLY A 72 7.45 -20.19 0.06
N ILE A 73 7.18 -18.98 -0.39
CA ILE A 73 7.30 -18.65 -1.81
C ILE A 73 8.73 -18.23 -2.13
N PRO A 74 9.36 -18.90 -3.12
CA PRO A 74 10.73 -18.53 -3.45
C PRO A 74 10.80 -17.16 -4.11
N PHE A 75 11.98 -16.57 -4.13
CA PHE A 75 12.15 -15.27 -4.77
C PHE A 75 12.34 -15.48 -6.26
N GLY A 76 11.74 -14.59 -7.05
CA GLY A 76 11.83 -14.67 -8.49
C GLY A 76 10.67 -15.41 -9.09
N PRO A 77 10.56 -15.37 -10.43
CA PRO A 77 9.43 -15.95 -11.15
C PRO A 77 9.41 -17.46 -11.05
N ILE A 78 8.23 -18.01 -10.82
CA ILE A 78 7.99 -19.44 -10.83
C ILE A 78 7.00 -19.71 -11.95
N THR A 79 7.31 -20.66 -12.82
CA THR A 79 6.38 -21.02 -13.87
C THR A 79 5.56 -22.20 -13.36
N PRO A 80 4.41 -22.46 -14.02
CA PRO A 80 3.54 -23.57 -13.62
C PRO A 80 4.25 -24.91 -13.66
N TYR A 81 5.36 -25.01 -14.40
CA TYR A 81 6.07 -26.27 -14.59
C TYR A 81 7.29 -26.39 -13.71
N ASP A 82 7.69 -25.30 -13.08
CA ASP A 82 8.81 -25.35 -12.17
C ASP A 82 8.43 -26.24 -11.01
N ARG A 83 9.38 -27.03 -10.57
CA ARG A 83 9.14 -27.97 -9.49
C ARG A 83 8.95 -27.23 -8.17
N LEU A 84 7.81 -27.50 -7.54
CA LEU A 84 7.50 -27.00 -6.22
C LEU A 84 7.70 -28.14 -5.23
N GLU A 85 8.80 -28.08 -4.50
CA GLU A 85 9.17 -29.15 -3.59
C GLU A 85 9.23 -28.61 -2.17
N ASN A 86 9.23 -27.29 -2.05
CA ASN A 86 9.18 -26.61 -0.76
C ASN A 86 8.16 -27.25 0.18
N LYS A 87 8.66 -28.09 1.08
CA LYS A 87 7.80 -28.78 2.03
C LYS A 87 7.52 -27.89 3.24
N PHE A 88 6.25 -27.86 3.66
CA PHE A 88 5.84 -27.15 4.87
C PHE A 88 6.11 -28.02 6.09
N SER A 89 6.14 -27.42 7.28
CA SER A 89 6.20 -28.20 8.52
C SER A 89 4.81 -28.75 8.84
N GLU A 90 4.74 -29.75 9.70
CA GLU A 90 3.47 -30.33 10.08
C GLU A 90 2.54 -29.29 10.70
N TYR A 91 3.09 -28.40 11.51
CA TYR A 91 2.30 -27.36 12.14
C TYR A 91 1.75 -26.35 11.13
N LYS A 92 2.55 -26.02 10.12
CA LYS A 92 2.10 -25.11 9.06
C LYS A 92 0.98 -25.77 8.26
N VAL A 93 1.10 -27.06 7.97
CA VAL A 93 0.05 -27.77 7.26
C VAL A 93 -1.23 -27.74 8.09
N GLU A 94 -1.11 -28.00 9.38
CA GLU A 94 -2.27 -28.00 10.25
C GLU A 94 -2.95 -26.63 10.28
N LEU A 95 -2.15 -25.57 10.29
CA LEU A 95 -2.66 -24.21 10.25
C LEU A 95 -3.44 -23.92 8.97
N LEU A 96 -2.81 -24.23 7.82
CA LEU A 96 -3.43 -23.92 6.55
C LEU A 96 -4.73 -24.70 6.34
N LEU A 97 -4.81 -25.91 6.90
CA LEU A 97 -6.01 -26.72 6.80
C LEU A 97 -7.18 -26.17 7.62
N LYS A 98 -6.89 -25.19 8.48
CA LYS A 98 -7.92 -24.54 9.29
C LYS A 98 -8.27 -23.16 8.74
N MET A 99 -7.52 -22.70 7.74
CA MET A 99 -7.74 -21.38 7.17
C MET A 99 -8.91 -21.44 6.20
N GLU A 100 -9.98 -20.72 6.53
CA GLU A 100 -11.18 -20.71 5.70
C GLU A 100 -11.23 -19.48 4.81
N LEU A 101 -10.52 -18.43 5.22
CA LEU A 101 -10.53 -17.15 4.52
C LEU A 101 -9.12 -16.58 4.52
N LEU A 102 -8.68 -16.18 3.34
CA LEU A 102 -7.41 -15.51 3.14
C LEU A 102 -7.69 -14.11 2.63
N ILE A 103 -7.25 -13.10 3.37
CA ILE A 103 -7.38 -11.71 2.97
C ILE A 103 -6.00 -11.21 2.59
N ILE A 104 -5.86 -10.72 1.36
CA ILE A 104 -4.58 -10.22 0.88
C ILE A 104 -4.66 -8.73 0.59
N ASP A 105 -3.85 -7.95 1.30
CA ASP A 105 -3.76 -6.51 1.01
C ASP A 105 -2.70 -6.27 -0.06
N GLU A 106 -2.82 -5.14 -0.75
CA GLU A 106 -1.89 -4.73 -1.80
C GLU A 106 -1.72 -5.80 -2.88
N ILE A 107 -2.83 -6.42 -3.25
CA ILE A 107 -2.82 -7.46 -4.29
C ILE A 107 -2.32 -6.91 -5.61
N SER A 108 -2.48 -5.61 -5.81
CA SER A 108 -2.10 -5.00 -7.07
C SER A 108 -0.62 -5.10 -7.36
N MET A 109 0.22 -5.30 -6.34
CA MET A 109 1.66 -5.42 -6.59
C MET A 109 2.13 -6.87 -6.78
N VAL A 110 1.19 -7.81 -6.73
CA VAL A 110 1.50 -9.24 -6.83
C VAL A 110 1.51 -9.73 -8.28
N ARG A 111 2.63 -10.31 -8.71
CA ARG A 111 2.72 -10.97 -10.02
C ARG A 111 1.77 -12.16 -10.10
N PRO A 112 1.29 -12.49 -11.31
CA PRO A 112 0.32 -13.58 -11.43
C PRO A 112 0.87 -14.93 -10.99
N ASP A 113 2.15 -15.18 -11.17
CA ASP A 113 2.70 -16.46 -10.77
C ASP A 113 2.65 -16.68 -9.27
N ILE A 114 2.69 -15.60 -8.49
CA ILE A 114 2.58 -15.70 -7.03
C ILE A 114 1.23 -16.31 -6.64
N LEU A 115 0.15 -15.84 -7.25
CA LEU A 115 -1.15 -16.40 -6.93
C LEU A 115 -1.25 -17.86 -7.38
N ASP A 116 -0.62 -18.18 -8.50
CA ASP A 116 -0.65 -19.56 -8.96
C ASP A 116 0.15 -20.48 -8.04
N THR A 117 1.27 -19.98 -7.52
CA THR A 117 2.06 -20.77 -6.56
C THR A 117 1.25 -21.00 -5.28
N ILE A 118 0.52 -19.99 -4.82
CA ILE A 118 -0.35 -20.13 -3.66
C ILE A 118 -1.44 -21.16 -3.92
N ASP A 119 -2.05 -21.08 -5.10
CA ASP A 119 -3.05 -22.06 -5.52
C ASP A 119 -2.48 -23.47 -5.48
N ARG A 120 -1.32 -23.65 -6.10
CA ARG A 120 -0.68 -24.96 -6.14
C ARG A 120 -0.39 -25.50 -4.74
N LYS A 121 0.13 -24.65 -3.87
CA LYS A 121 0.52 -25.09 -2.54
C LYS A 121 -0.71 -25.44 -1.69
N LEU A 122 -1.78 -24.66 -1.82
CA LEU A 122 -3.00 -24.95 -1.08
C LEU A 122 -3.68 -26.22 -1.59
N ARG A 123 -3.63 -26.46 -2.89
CA ARG A 123 -4.17 -27.70 -3.44
C ARG A 123 -3.35 -28.89 -2.97
N TRP A 124 -2.05 -28.71 -2.81
CA TRP A 124 -1.19 -29.75 -2.28
C TRP A 124 -1.56 -30.07 -0.83
N VAL A 125 -1.69 -29.01 -0.01
CA VAL A 125 -2.04 -29.16 1.40
C VAL A 125 -3.42 -29.81 1.58
N TYR A 126 -4.40 -29.36 0.82
CA TYR A 126 -5.78 -29.83 0.96
C TYR A 126 -6.03 -31.13 0.19
N GLU A 127 -5.03 -31.57 -0.57
CA GLU A 127 -5.16 -32.76 -1.42
C GLU A 127 -6.42 -32.66 -2.26
N SER A 128 -6.55 -31.54 -2.95
CA SER A 128 -7.79 -31.19 -3.64
C SER A 128 -7.50 -30.55 -5.00
N ASP A 129 -8.42 -30.74 -5.93
CA ASP A 129 -8.35 -30.05 -7.21
C ASP A 129 -9.04 -28.69 -7.20
N GLU A 130 -9.68 -28.35 -6.09
CA GLU A 130 -10.39 -27.08 -6.00
C GLU A 130 -9.40 -25.93 -5.92
N PRO A 131 -9.61 -24.86 -6.70
CA PRO A 131 -8.70 -23.72 -6.64
C PRO A 131 -8.49 -23.21 -5.21
N PHE A 132 -7.24 -22.90 -4.88
CA PHE A 132 -6.87 -22.43 -3.55
C PHE A 132 -7.29 -23.41 -2.45
N GLY A 133 -7.47 -24.68 -2.80
CA GLY A 133 -7.88 -25.68 -1.85
C GLY A 133 -9.27 -25.41 -1.30
N GLY A 134 -10.04 -24.58 -2.00
CA GLY A 134 -11.36 -24.19 -1.55
C GLY A 134 -11.39 -23.03 -0.58
N VAL A 135 -10.24 -22.47 -0.26
CA VAL A 135 -10.20 -21.32 0.64
C VAL A 135 -10.80 -20.07 -0.04
N GLN A 136 -11.64 -19.36 0.70
CA GLN A 136 -12.22 -18.10 0.19
C GLN A 136 -11.13 -17.02 0.18
N VAL A 137 -11.06 -16.26 -0.90
CA VAL A 137 -10.02 -15.24 -1.04
C VAL A 137 -10.62 -13.86 -1.27
N ILE A 138 -10.23 -12.92 -0.42
CA ILE A 138 -10.59 -11.51 -0.56
C ILE A 138 -9.31 -10.72 -0.75
N MET A 139 -9.28 -9.88 -1.78
CA MET A 139 -8.07 -9.16 -2.19
C MET A 139 -8.38 -7.68 -2.25
N PHE A 140 -7.48 -6.87 -1.68
CA PHE A 140 -7.60 -5.41 -1.73
C PHE A 140 -6.42 -4.84 -2.47
N GLY A 141 -6.66 -3.85 -3.32
CA GLY A 141 -5.56 -3.16 -3.95
C GLY A 141 -6.02 -2.12 -4.92
N ASP A 142 -5.06 -1.50 -5.57
CA ASP A 142 -5.31 -0.50 -6.60
C ASP A 142 -4.26 -0.61 -7.69
N LEU A 143 -4.65 -1.21 -8.81
CA LEU A 143 -3.77 -1.43 -9.95
C LEU A 143 -3.30 -0.13 -10.59
N PHE A 144 -4.09 0.93 -10.41
CA PHE A 144 -3.79 2.23 -11.02
C PHE A 144 -2.87 3.10 -10.17
N GLN A 145 -2.57 2.66 -8.95
CA GLN A 145 -1.62 3.36 -8.08
C GLN A 145 -0.40 2.54 -7.72
N LEU A 146 -0.61 1.25 -7.46
CA LEU A 146 0.40 0.40 -6.84
C LEU A 146 0.52 -0.92 -7.60
N PRO A 147 1.05 -0.85 -8.82
CA PRO A 147 1.25 -2.04 -9.64
C PRO A 147 2.55 -2.77 -9.30
N PRO A 148 2.75 -3.96 -9.88
CA PRO A 148 4.03 -4.64 -9.70
C PRO A 148 5.15 -3.91 -10.42
N VAL A 149 6.36 -4.06 -9.91
CA VAL A 149 7.56 -3.67 -10.65
C VAL A 149 8.24 -4.96 -11.04
N THR A 150 8.42 -5.18 -12.34
CA THR A 150 9.04 -6.40 -12.84
C THR A 150 10.30 -6.08 -13.62
N LYS A 151 11.24 -7.01 -13.63
CA LYS A 151 12.44 -6.90 -14.43
C LYS A 151 12.22 -7.56 -15.78
N LYS A 152 13.06 -7.21 -16.76
CA LYS A 152 12.95 -7.79 -18.09
C LYS A 152 13.09 -9.31 -18.04
N GLN A 153 14.08 -9.81 -17.30
CA GLN A 153 14.34 -11.25 -17.27
C GLN A 153 13.14 -11.97 -16.70
N GLU A 154 12.44 -11.32 -15.78
CA GLU A 154 11.27 -11.92 -15.15
C GLU A 154 10.11 -12.00 -16.12
N ARG A 155 9.92 -10.94 -16.92
CA ARG A 155 8.86 -10.95 -17.93
C ARG A 155 9.17 -12.01 -18.98
N GLU A 156 10.43 -12.19 -19.31
CA GLU A 156 10.81 -13.14 -20.34
C GLU A 156 10.54 -14.58 -19.90
N ILE A 157 10.77 -14.89 -18.63
CA ILE A 157 10.46 -16.21 -18.10
C ILE A 157 8.94 -16.45 -18.13
N LEU A 158 8.18 -15.47 -17.69
CA LEU A 158 6.74 -15.63 -17.54
C LEU A 158 5.96 -15.56 -18.85
N SER A 159 6.57 -14.97 -19.87
CA SER A 159 5.88 -14.68 -21.14
C SER A 159 5.30 -15.90 -21.84
N ASP A 160 5.94 -17.06 -21.70
CA ASP A 160 5.45 -18.27 -22.36
C ASP A 160 4.19 -18.82 -21.70
N PHE A 161 3.90 -18.37 -20.48
CA PHE A 161 2.82 -18.92 -19.68
C PHE A 161 1.71 -17.92 -19.37
N TYR A 162 2.04 -16.63 -19.41
CA TYR A 162 1.11 -15.58 -18.97
C TYR A 162 0.87 -14.54 -20.06
N ASP A 163 -0.38 -14.09 -20.15
CA ASP A 163 -0.78 -13.08 -21.14
C ASP A 163 -0.47 -11.67 -20.66
N GLY A 164 -0.08 -11.52 -19.41
CA GLY A 164 0.25 -10.23 -18.84
C GLY A 164 0.78 -10.45 -17.43
N PHE A 165 1.17 -9.37 -16.77
CA PHE A 165 1.92 -9.49 -15.52
C PHE A 165 1.26 -8.83 -14.33
N PHE A 166 -0.07 -8.84 -14.33
CA PHE A 166 -0.86 -8.39 -13.19
C PHE A 166 -1.54 -9.60 -12.52
N PHE A 167 -2.03 -9.42 -11.31
CA PHE A 167 -2.50 -10.58 -10.54
C PHE A 167 -3.64 -11.32 -11.23
N PHE A 168 -4.47 -10.58 -11.97
CA PHE A 168 -5.65 -11.16 -12.61
C PHE A 168 -5.27 -12.05 -13.79
N ASN A 169 -4.01 -11.99 -14.21
CA ASN A 169 -3.52 -12.88 -15.27
C ASN A 169 -3.15 -14.28 -14.76
N ALA A 170 -3.33 -14.53 -13.46
CA ALA A 170 -3.02 -15.84 -12.91
C ALA A 170 -3.87 -16.92 -13.57
N LEU A 171 -3.25 -18.07 -13.82
CA LEU A 171 -3.90 -19.18 -14.50
C LEU A 171 -5.05 -19.75 -13.67
N VAL A 172 -4.97 -19.57 -12.36
CA VAL A 172 -6.03 -20.03 -11.46
C VAL A 172 -7.38 -19.41 -11.79
N PHE A 173 -7.37 -18.25 -12.44
CA PHE A 173 -8.63 -17.61 -12.79
C PHE A 173 -9.27 -18.15 -14.08
N LYS A 174 -8.71 -19.23 -14.60
CA LYS A 174 -9.40 -20.04 -15.59
C LYS A 174 -10.30 -21.06 -14.88
N ARG A 175 -10.10 -21.21 -13.56
CA ARG A 175 -10.78 -22.27 -12.81
C ARG A 175 -11.62 -21.75 -11.66
N THR A 176 -11.40 -20.49 -11.30
CA THR A 176 -12.26 -19.80 -10.36
C THR A 176 -12.28 -18.35 -10.79
N GLY A 177 -12.99 -17.51 -10.05
CA GLY A 177 -13.07 -16.10 -10.37
C GLY A 177 -13.42 -15.29 -9.15
N PHE A 178 -13.66 -14.01 -9.35
CA PHE A 178 -13.93 -13.11 -8.25
C PHE A 178 -14.85 -11.97 -8.68
N HIS A 179 -15.68 -11.52 -7.74
CA HIS A 179 -16.44 -10.30 -7.90
C HIS A 179 -15.52 -9.11 -7.69
N ILE A 180 -15.86 -7.99 -8.30
CA ILE A 180 -15.14 -6.74 -8.08
C ILE A 180 -16.10 -5.70 -7.53
N VAL A 181 -15.71 -5.01 -6.48
CA VAL A 181 -16.38 -3.79 -6.05
C VAL A 181 -15.36 -2.67 -6.00
N GLU A 182 -15.65 -1.59 -6.73
CA GLU A 182 -14.83 -0.41 -6.72
C GLU A 182 -15.48 0.66 -5.84
N LEU A 183 -14.73 1.13 -4.86
CA LEU A 183 -15.18 2.23 -4.02
C LEU A 183 -15.02 3.54 -4.78
N THR A 184 -16.12 4.30 -4.89
CA THR A 184 -16.12 5.52 -5.72
C THR A 184 -16.46 6.78 -4.96
N LYS A 185 -16.84 6.68 -3.69
CA LYS A 185 -17.03 7.87 -2.88
C LYS A 185 -15.66 8.30 -2.36
N ILE A 186 -15.18 9.44 -2.82
CA ILE A 186 -13.89 9.94 -2.44
C ILE A 186 -14.02 10.77 -1.17
N PHE A 187 -13.18 10.47 -0.19
CA PHE A 187 -13.16 11.19 1.08
C PHE A 187 -12.03 12.21 1.14
N ARG A 188 -10.90 11.92 0.51
CA ARG A 188 -9.72 12.77 0.67
C ARG A 188 -9.92 14.14 0.04
N GLN A 189 -10.36 14.14 -1.21
CA GLN A 189 -10.70 15.38 -1.92
C GLN A 189 -12.20 15.64 -1.81
N THR A 190 -12.58 16.91 -1.82
CA THR A 190 -13.98 17.30 -1.73
C THR A 190 -14.41 18.17 -2.91
N GLU A 191 -13.45 18.77 -3.60
CA GLU A 191 -13.75 19.64 -4.74
C GLU A 191 -14.10 18.85 -5.99
N PRO A 192 -15.32 18.99 -6.53
CA PRO A 192 -15.67 18.17 -7.69
C PRO A 192 -14.76 18.34 -8.90
N GLU A 193 -14.24 19.53 -9.14
CA GLU A 193 -13.38 19.74 -10.29
C GLU A 193 -12.07 18.96 -10.13
N PHE A 194 -11.56 18.92 -8.90
CA PHE A 194 -10.31 18.22 -8.62
C PHE A 194 -10.55 16.71 -8.73
N ILE A 195 -11.64 16.24 -8.12
CA ILE A 195 -12.02 14.84 -8.22
C ILE A 195 -12.16 14.41 -9.67
N ASN A 196 -12.76 15.27 -10.49
CA ASN A 196 -12.98 14.91 -11.88
C ASN A 196 -11.67 14.77 -12.64
N VAL A 197 -10.72 15.67 -12.43
CA VAL A 197 -9.44 15.55 -13.11
C VAL A 197 -8.65 14.34 -12.59
N LEU A 198 -8.69 14.09 -11.28
CA LEU A 198 -8.02 12.91 -10.74
C LEU A 198 -8.57 11.61 -11.33
N ASN A 199 -9.89 11.51 -11.39
CA ASN A 199 -10.51 10.30 -11.92
C ASN A 199 -10.21 10.12 -13.42
N ASN A 200 -10.04 11.21 -14.16
CA ASN A 200 -9.63 11.10 -15.55
C ASN A 200 -8.15 10.71 -15.70
N ILE A 201 -7.29 11.27 -14.86
CA ILE A 201 -5.88 10.94 -14.89
C ILE A 201 -5.66 9.48 -14.51
N ARG A 202 -6.42 9.03 -13.52
CA ARG A 202 -6.36 7.64 -13.06
C ARG A 202 -6.41 6.65 -14.22
N ASN A 203 -7.30 6.96 -15.17
CA ASN A 203 -7.70 6.08 -16.27
C ASN A 203 -7.10 6.48 -17.58
N TYR A 204 -6.16 7.42 -17.54
CA TYR A 204 -5.53 7.90 -18.77
C TYR A 204 -6.60 8.35 -19.80
N GLN A 205 -7.77 8.77 -19.31
CA GLN A 205 -8.80 9.37 -20.19
C GLN A 205 -8.73 10.89 -20.12
N VAL A 206 -7.66 11.42 -19.54
CA VAL A 206 -7.55 12.87 -19.36
C VAL A 206 -7.36 13.60 -20.68
N THR A 207 -7.92 14.80 -20.74
CA THR A 207 -7.80 15.68 -21.90
C THR A 207 -6.60 16.58 -21.71
N SER A 208 -5.81 16.79 -22.77
CA SER A 208 -4.74 17.78 -22.71
C SER A 208 -5.29 19.17 -22.35
N ASP A 209 -6.62 19.31 -22.35
CA ASP A 209 -7.31 20.54 -21.98
C ASP A 209 -7.49 20.77 -20.44
N GLU A 210 -7.42 19.70 -19.64
CA GLU A 210 -7.52 19.80 -18.17
C GLU A 210 -6.17 20.19 -17.60
N LEU A 211 -5.13 19.77 -18.31
CA LEU A 211 -3.76 20.11 -18.01
C LEU A 211 -3.54 21.64 -17.91
N ASP A 212 -4.48 22.41 -18.43
CA ASP A 212 -4.46 23.85 -18.25
C ASP A 212 -4.82 24.25 -16.82
N LEU A 213 -5.82 23.57 -16.24
CA LEU A 213 -6.17 23.81 -14.85
C LEU A 213 -4.97 23.52 -13.98
N LEU A 214 -4.20 22.50 -14.36
CA LEU A 214 -3.06 22.09 -13.57
C LEU A 214 -1.88 23.02 -13.77
N SER A 215 -1.87 23.74 -14.89
CA SER A 215 -0.77 24.65 -15.21
C SER A 215 -0.64 25.73 -14.14
N GLU A 216 -1.75 26.09 -13.51
CA GLU A 216 -1.72 27.15 -12.50
C GLU A 216 -0.99 26.69 -11.25
N LEU A 217 -0.74 25.38 -11.15
CA LEU A 217 -0.04 24.81 -10.00
C LEU A 217 1.47 25.06 -10.06
N LYS A 218 2.01 25.35 -11.23
CA LYS A 218 3.44 25.58 -11.36
C LYS A 218 3.83 26.89 -10.69
N ASP A 219 4.85 26.83 -9.84
CA ASP A 219 5.35 28.02 -9.17
C ASP A 219 6.80 27.82 -8.80
N ARG A 220 7.67 28.60 -9.44
CA ARG A 220 9.10 28.44 -9.26
C ARG A 220 9.54 28.73 -7.84
N LYS A 221 9.01 29.82 -7.27
CA LYS A 221 9.49 30.26 -5.97
C LYS A 221 9.13 29.28 -4.87
N ILE A 222 7.88 28.84 -4.83
CA ILE A 222 7.47 27.91 -3.79
C ILE A 222 8.13 26.56 -3.99
N SER A 223 8.19 26.08 -5.24
CA SER A 223 8.74 24.76 -5.50
C SER A 223 10.23 24.68 -5.17
N SER A 224 10.93 25.81 -5.19
CA SER A 224 12.36 25.82 -4.89
C SER A 224 12.64 26.17 -3.43
N SER A 225 11.58 26.28 -2.62
CA SER A 225 11.73 26.58 -1.21
C SER A 225 11.57 25.33 -0.34
N TYR A 226 12.39 25.27 0.71
CA TYR A 226 12.42 24.13 1.61
C TYR A 226 12.17 24.54 3.05
N ASP A 227 11.68 25.77 3.25
CA ASP A 227 11.42 26.30 4.58
C ASP A 227 9.96 26.69 4.73
N ASN A 228 9.12 26.02 3.97
CA ASN A 228 7.68 26.17 4.09
C ASN A 228 7.14 24.86 4.65
N GLU A 229 5.82 24.74 4.73
CA GLU A 229 5.19 23.54 5.28
C GLU A 229 4.73 22.59 4.18
N TYR A 230 5.30 22.76 2.98
CA TYR A 230 5.07 21.81 1.89
C TYR A 230 6.00 20.62 2.07
N ILE A 231 5.57 19.45 1.61
CA ILE A 231 6.46 18.30 1.48
C ILE A 231 6.78 18.08 0.00
N HIS A 232 8.05 17.88 -0.29
CA HIS A 232 8.52 17.66 -1.66
C HIS A 232 8.39 16.20 -2.03
N ILE A 233 7.58 15.92 -3.03
CA ILE A 233 7.37 14.56 -3.51
C ILE A 233 8.19 14.32 -4.77
N CYS A 234 9.08 13.33 -4.68
CA CYS A 234 10.02 13.02 -5.76
C CYS A 234 9.92 11.55 -6.16
N THR A 235 10.27 11.25 -7.40
CA THR A 235 10.25 9.87 -7.87
C THR A 235 11.32 9.00 -7.20
N HIS A 236 12.52 9.54 -6.97
CA HIS A 236 13.68 8.73 -6.61
C HIS A 236 14.19 8.91 -5.20
N LYS A 237 14.47 7.78 -4.55
CA LYS A 237 14.96 7.75 -3.18
C LYS A 237 16.22 8.60 -3.01
N ALA A 238 17.14 8.55 -3.96
CA ALA A 238 18.39 9.29 -3.84
C ALA A 238 18.16 10.81 -3.75
N ASP A 239 17.16 11.30 -4.49
CA ASP A 239 16.86 12.73 -4.49
C ASP A 239 16.23 13.14 -3.17
N VAL A 240 15.38 12.27 -2.63
CA VAL A 240 14.73 12.52 -1.35
C VAL A 240 15.77 12.50 -0.23
N GLU A 241 16.67 11.52 -0.27
CA GLU A 241 17.73 11.42 0.72
C GLU A 241 18.60 12.66 0.74
N LYS A 242 18.92 13.18 -0.45
CA LYS A 242 19.76 14.37 -0.53
C LYS A 242 19.07 15.60 0.06
N ILE A 243 17.79 15.78 -0.26
CA ILE A 243 17.04 16.91 0.29
C ILE A 243 16.99 16.83 1.81
N ASN A 244 16.60 15.69 2.35
CA ASN A 244 16.49 15.55 3.80
C ASN A 244 17.84 15.71 4.49
N ALA A 245 18.90 15.16 3.89
CA ALA A 245 20.24 15.28 4.46
C ALA A 245 20.75 16.71 4.40
N ASP A 246 20.54 17.38 3.27
CA ASP A 246 20.98 18.76 3.10
C ASP A 246 20.32 19.67 4.14
N LYS A 247 19.01 19.51 4.32
CA LYS A 247 18.27 20.34 5.26
C LYS A 247 18.58 19.97 6.70
N LEU A 248 18.80 18.69 6.97
CA LEU A 248 19.17 18.29 8.32
C LEU A 248 20.48 18.95 8.72
N GLY A 249 21.46 18.92 7.83
CA GLY A 249 22.77 19.49 8.12
C GLY A 249 23.55 18.62 9.10
N GLU A 250 24.54 19.20 9.75
CA GLU A 250 25.43 18.46 10.64
C GLU A 250 25.59 19.14 11.99
N GLN A 251 24.79 20.17 12.25
CA GLN A 251 24.90 20.94 13.47
C GLN A 251 23.82 20.56 14.49
N GLU A 252 24.27 20.18 15.68
CA GLU A 252 23.38 19.89 16.80
C GLU A 252 22.39 18.76 16.50
N ILE A 253 22.94 17.68 15.93
CA ILE A 253 22.16 16.51 15.59
C ILE A 253 22.10 15.52 16.77
N ARG A 254 20.93 14.96 17.01
CA ARG A 254 20.74 13.87 17.98
C ARG A 254 20.40 12.60 17.23
N ASN A 255 20.98 11.49 17.66
CA ASN A 255 20.73 10.19 17.08
C ASN A 255 19.96 9.32 18.06
N TYR A 256 18.95 8.61 17.55
CA TYR A 256 18.15 7.69 18.35
C TYR A 256 18.11 6.34 17.67
N ASP A 257 18.58 5.31 18.36
CA ASP A 257 18.73 3.99 17.76
C ASP A 257 17.50 3.12 17.97
N ILE A 258 17.15 2.34 16.95
CA ILE A 258 16.09 1.35 17.08
C ILE A 258 16.52 0.25 18.05
N VAL A 259 15.54 -0.33 18.73
CA VAL A 259 15.73 -1.58 19.48
C VAL A 259 14.87 -2.63 18.79
N ILE A 260 15.47 -3.76 18.47
CA ILE A 260 14.75 -4.87 17.87
C ILE A 260 14.85 -6.06 18.81
N LYS A 261 13.71 -6.71 19.01
CA LYS A 261 13.62 -7.89 19.86
C LYS A 261 13.22 -9.09 19.04
N ASP A 262 14.00 -10.16 19.14
CA ASP A 262 13.70 -11.43 18.48
C ASP A 262 13.48 -11.30 16.96
N LYS A 263 12.45 -11.95 16.44
CA LYS A 263 12.28 -12.06 14.99
C LYS A 263 11.54 -10.87 14.39
N PHE A 264 12.26 -10.07 13.62
CA PHE A 264 11.68 -8.92 12.94
C PHE A 264 12.58 -8.60 11.77
N PRO A 265 12.27 -9.16 10.60
CA PRO A 265 13.11 -8.96 9.42
C PRO A 265 13.27 -7.48 9.13
N GLU A 266 14.47 -7.08 8.72
CA GLU A 266 14.72 -5.67 8.45
C GLU A 266 13.77 -5.12 7.41
N SER A 267 13.44 -5.94 6.41
CA SER A 267 12.55 -5.50 5.33
C SER A 267 11.11 -5.29 5.79
N SER A 268 10.80 -5.68 7.03
CA SER A 268 9.49 -5.43 7.62
C SER A 268 9.49 -4.19 8.51
N ILE A 269 10.68 -3.67 8.84
CA ILE A 269 10.77 -2.58 9.80
C ILE A 269 10.24 -1.28 9.21
N PRO A 270 9.23 -0.67 9.85
CA PRO A 270 8.56 0.49 9.25
C PRO A 270 9.13 1.85 9.66
N CYS A 271 10.12 1.83 10.55
CA CYS A 271 10.66 3.06 11.11
C CYS A 271 12.15 3.20 10.80
N ASP A 272 12.74 4.31 11.21
CA ASP A 272 14.17 4.53 11.02
C ASP A 272 14.99 3.64 11.94
N LEU A 273 16.07 3.06 11.41
CA LEU A 273 16.99 2.29 12.21
C LEU A 273 17.82 3.19 13.14
N HIS A 274 18.24 4.33 12.61
CA HIS A 274 19.02 5.31 13.37
C HIS A 274 18.49 6.67 12.98
N LEU A 275 17.57 7.15 13.82
CA LEU A 275 16.83 8.37 13.56
C LEU A 275 17.67 9.57 13.98
N LYS A 276 17.96 10.45 13.03
CA LYS A 276 18.78 11.62 13.28
C LYS A 276 17.95 12.88 13.11
N LEU A 277 17.92 13.70 14.16
CA LEU A 277 17.06 14.88 14.19
C LEU A 277 17.80 16.06 14.77
N ARG A 278 17.21 17.23 14.58
CA ARG A 278 17.62 18.44 15.26
C ARG A 278 16.38 19.26 15.53
N VAL A 279 16.48 20.18 16.47
CA VAL A 279 15.43 21.18 16.64
C VAL A 279 15.30 21.93 15.32
N GLY A 280 14.08 22.08 14.84
CA GLY A 280 13.81 22.71 13.56
C GLY A 280 13.62 21.73 12.41
N ALA A 281 13.83 20.45 12.64
CA ALA A 281 13.68 19.47 11.56
C ALA A 281 12.23 19.27 11.23
N ARG A 282 11.94 19.12 9.94
CA ARG A 282 10.60 18.74 9.48
C ARG A 282 10.47 17.24 9.58
N VAL A 283 9.38 16.79 10.22
CA VAL A 283 9.16 15.38 10.46
C VAL A 283 7.74 14.96 10.15
N MET A 284 7.58 13.66 9.95
CA MET A 284 6.30 13.03 9.66
C MET A 284 6.06 11.90 10.66
N SER A 285 4.85 11.85 11.20
CA SER A 285 4.41 10.75 12.03
C SER A 285 4.19 9.48 11.22
N LEU A 286 4.61 8.35 11.78
CA LEU A 286 4.50 7.05 11.12
C LEU A 286 3.35 6.19 11.61
N VAL A 287 2.59 6.67 12.58
CA VAL A 287 1.54 5.85 13.18
C VAL A 287 0.27 6.64 13.42
N ASN A 288 -0.84 5.91 13.42
CA ASN A 288 -2.14 6.45 13.78
C ASN A 288 -2.40 6.26 15.26
N ASP A 289 -2.56 7.36 15.98
CA ASP A 289 -3.01 7.30 17.37
C ASP A 289 -3.99 8.43 17.63
N SER A 290 -5.27 8.11 17.46
CA SER A 290 -6.33 9.10 17.55
C SER A 290 -6.39 9.69 18.96
N LEU A 291 -6.13 8.87 19.96
CA LEU A 291 -6.18 9.32 21.36
C LEU A 291 -5.11 10.36 21.63
N LYS A 292 -3.95 10.20 21.00
CA LYS A 292 -2.82 11.10 21.23
C LYS A 292 -2.82 12.27 20.24
N GLY A 293 -3.67 12.19 19.23
CA GLY A 293 -3.90 13.32 18.35
C GLY A 293 -3.03 13.39 17.11
N TYR A 294 -2.53 12.24 16.64
CA TYR A 294 -1.81 12.21 15.37
C TYR A 294 -2.19 11.03 14.50
N TYR A 295 -1.84 11.14 13.22
CA TYR A 295 -2.11 10.11 12.23
C TYR A 295 -0.85 9.85 11.40
N ASN A 296 -0.83 8.71 10.72
CA ASN A 296 0.28 8.34 9.84
C ASN A 296 0.31 9.29 8.66
N GLY A 297 1.38 10.07 8.55
CA GLY A 297 1.50 11.09 7.52
C GLY A 297 1.44 12.52 8.02
N MET A 298 1.06 12.73 9.28
CA MET A 298 0.95 14.08 9.84
C MET A 298 2.33 14.74 9.92
N LEU A 299 2.41 16.00 9.53
CA LEU A 299 3.69 16.71 9.47
C LEU A 299 3.82 17.76 10.57
N GLY A 300 5.06 18.01 10.98
CA GLY A 300 5.33 19.02 11.97
C GLY A 300 6.80 19.39 12.02
N ILE A 301 7.13 20.26 12.96
CA ILE A 301 8.51 20.72 13.15
C ILE A 301 8.94 20.38 14.58
N VAL A 302 10.14 19.80 14.70
CA VAL A 302 10.69 19.44 16.01
C VAL A 302 10.99 20.71 16.81
N THR A 303 10.46 20.79 18.03
CA THR A 303 10.74 21.91 18.91
C THR A 303 11.63 21.56 20.09
N ALA A 304 11.73 20.28 20.44
CA ALA A 304 12.63 19.86 21.51
C ALA A 304 13.00 18.39 21.38
N LEU A 305 14.22 18.09 21.81
CA LEU A 305 14.74 16.73 21.77
C LEU A 305 15.24 16.36 23.16
N GLU A 306 14.69 15.28 23.71
CA GLU A 306 15.12 14.75 25.00
C GLU A 306 15.41 13.26 24.87
N ASP A 307 15.84 12.63 25.95
CA ASP A 307 16.21 11.22 25.90
C ASP A 307 15.06 10.32 25.45
N ASN A 308 13.86 10.57 25.97
CA ASN A 308 12.73 9.68 25.78
C ASN A 308 11.50 10.37 25.19
N VAL A 309 11.63 11.64 24.86
CA VAL A 309 10.53 12.40 24.29
C VAL A 309 11.03 13.34 23.20
N ILE A 310 10.33 13.33 22.07
CA ILE A 310 10.56 14.28 21.00
C ILE A 310 9.33 15.15 20.87
N THR A 311 9.49 16.45 21.09
CA THR A 311 8.37 17.38 21.05
C THR A 311 8.28 18.00 19.66
N VAL A 312 7.07 17.98 19.10
CA VAL A 312 6.86 18.39 17.72
C VAL A 312 5.61 19.25 17.66
N ARG A 313 5.73 20.40 17.00
CA ARG A 313 4.59 21.26 16.74
C ARG A 313 4.04 20.88 15.37
N MET A 314 2.84 20.31 15.33
CA MET A 314 2.29 19.81 14.07
C MET A 314 1.69 20.98 13.28
N ASP A 315 1.54 20.80 11.97
CA ASP A 315 1.10 21.88 11.11
C ASP A 315 -0.33 22.34 11.44
N ASN A 316 -1.09 21.54 12.17
CA ASN A 316 -2.43 21.94 12.60
C ASN A 316 -2.43 22.79 13.88
N GLY A 317 -1.24 23.06 14.41
CA GLY A 317 -1.08 23.91 15.58
C GLY A 317 -0.97 23.18 16.90
N ARG A 318 -1.19 21.86 16.89
CA ARG A 318 -1.10 21.06 18.11
C ARG A 318 0.33 20.62 18.37
N THR A 319 0.77 20.75 19.63
CA THR A 319 2.07 20.25 20.03
C THR A 319 1.90 18.85 20.62
N ILE A 320 2.72 17.93 20.14
CA ILE A 320 2.68 16.54 20.58
C ILE A 320 4.02 16.13 21.18
N LYS A 321 3.97 15.46 22.31
CA LYS A 321 5.15 14.86 22.92
C LYS A 321 5.24 13.41 22.48
N PHE A 322 6.03 13.13 21.45
CA PHE A 322 6.16 11.78 20.95
C PHE A 322 7.08 10.95 21.83
N GLU A 323 6.62 9.75 22.18
CA GLU A 323 7.43 8.78 22.88
C GLU A 323 7.70 7.61 21.93
N ARG A 324 8.59 6.71 22.34
CA ARG A 324 8.90 5.58 21.50
C ARG A 324 7.69 4.67 21.34
N TYR A 325 7.56 4.12 20.15
CA TYR A 325 6.44 3.26 19.78
C TYR A 325 6.99 1.87 19.51
N THR A 326 6.18 0.84 19.80
CA THR A 326 6.59 -0.53 19.56
C THR A 326 5.68 -1.20 18.53
N TRP A 327 6.28 -1.62 17.42
CA TRP A 327 5.61 -2.42 16.41
C TRP A 327 5.78 -3.89 16.76
N SER A 328 4.74 -4.67 16.47
CA SER A 328 4.74 -6.11 16.76
C SER A 328 4.77 -6.91 15.46
N ASN A 329 5.66 -7.90 15.40
CA ASN A 329 5.71 -8.84 14.30
C ASN A 329 5.07 -10.13 14.76
N THR A 330 4.09 -10.62 14.02
CA THR A 330 3.36 -11.81 14.44
C THR A 330 3.43 -12.92 13.41
N GLN A 331 3.03 -14.10 13.86
CA GLN A 331 2.72 -15.17 12.94
C GLN A 331 1.43 -15.81 13.44
N TYR A 332 0.78 -16.54 12.56
CA TYR A 332 -0.44 -17.24 12.93
C TYR A 332 -0.13 -18.62 13.48
N THR A 333 -1.00 -19.07 14.38
CA THR A 333 -0.89 -20.40 14.98
C THR A 333 -2.29 -20.90 15.30
N LEU A 334 -2.38 -22.15 15.75
CA LEU A 334 -3.64 -22.72 16.20
C LEU A 334 -3.72 -22.77 17.71
N LYS A 335 -4.90 -22.43 18.22
CA LYS A 335 -5.26 -22.65 19.61
C LYS A 335 -6.61 -23.31 19.53
N ASP A 336 -6.67 -24.57 19.94
CA ASP A 336 -7.81 -25.43 19.62
C ASP A 336 -7.88 -25.55 18.10
N ASN A 337 -9.05 -25.26 17.53
CA ASN A 337 -9.20 -25.30 16.07
C ASN A 337 -9.33 -23.90 15.49
N GLU A 338 -8.95 -22.89 16.27
CA GLU A 338 -9.06 -21.50 15.85
C GLU A 338 -7.69 -20.92 15.56
N ILE A 339 -7.65 -20.07 14.53
CA ILE A 339 -6.44 -19.38 14.15
C ILE A 339 -6.28 -18.12 14.98
N VAL A 340 -5.14 -18.02 15.67
CA VAL A 340 -4.83 -16.89 16.51
C VAL A 340 -3.44 -16.38 16.16
N LYS A 341 -3.11 -15.18 16.60
CA LYS A 341 -1.80 -14.58 16.35
C LYS A 341 -0.91 -14.75 17.55
N GLU A 342 0.39 -14.86 17.31
CA GLU A 342 1.37 -14.82 18.38
C GLU A 342 2.53 -13.93 17.95
N GLU A 343 3.04 -13.16 18.90
CA GLU A 343 4.14 -12.25 18.62
C GLU A 343 5.44 -13.03 18.57
N ILE A 344 6.23 -12.81 17.52
CA ILE A 344 7.53 -13.45 17.38
C ILE A 344 8.67 -12.46 17.45
N GLY A 345 8.35 -11.17 17.48
CA GLY A 345 9.36 -10.15 17.64
C GLY A 345 8.71 -8.78 17.71
N SER A 346 9.54 -7.77 17.93
CA SER A 346 9.07 -6.40 17.99
C SER A 346 10.21 -5.44 17.72
N CYS A 347 9.87 -4.18 17.44
CA CYS A 347 10.89 -3.15 17.34
C CYS A 347 10.34 -1.87 17.93
N THR A 348 11.24 -1.07 18.49
CA THR A 348 10.86 0.10 19.25
C THR A 348 11.69 1.31 18.83
N GLN A 349 11.00 2.40 18.52
CA GLN A 349 11.65 3.61 17.98
C GLN A 349 10.62 4.73 18.01
N PHE A 350 11.07 5.98 18.00
CA PHE A 350 10.13 7.08 17.84
C PHE A 350 9.44 6.99 16.49
N PRO A 351 8.11 7.18 16.43
CA PRO A 351 7.37 7.01 15.18
C PRO A 351 7.42 8.28 14.33
N LEU A 352 8.63 8.70 14.02
CA LEU A 352 8.89 9.93 13.27
C LEU A 352 9.98 9.68 12.23
N THR A 353 9.89 10.37 11.09
CA THR A 353 10.95 10.33 10.11
C THR A 353 11.09 11.72 9.47
N LEU A 354 12.27 12.04 8.96
CA LEU A 354 12.48 13.33 8.29
C LEU A 354 11.55 13.47 7.10
N ALA A 355 11.06 14.69 6.88
CA ALA A 355 9.97 14.90 5.94
C ALA A 355 9.98 16.25 5.24
N TRP A 356 11.16 16.78 4.92
CA TRP A 356 11.21 17.83 3.92
C TRP A 356 10.81 17.26 2.55
N ALA A 357 11.15 15.98 2.35
CA ALA A 357 10.88 15.29 1.09
C ALA A 357 10.45 13.86 1.36
N ILE A 358 9.75 13.27 0.39
CA ILE A 358 9.29 11.90 0.45
C ILE A 358 9.21 11.36 -0.97
N THR A 359 9.45 10.06 -1.13
CA THR A 359 9.30 9.45 -2.46
C THR A 359 7.84 9.20 -2.74
N ILE A 360 7.51 9.09 -4.02
CA ILE A 360 6.18 8.69 -4.42
C ILE A 360 5.81 7.35 -3.77
N HIS A 361 6.77 6.42 -3.76
CA HIS A 361 6.51 5.13 -3.14
C HIS A 361 6.17 5.24 -1.66
N LYS A 362 6.95 5.99 -0.91
CA LYS A 362 6.66 6.11 0.52
C LYS A 362 5.43 6.97 0.81
N SER A 363 5.01 7.79 -0.15
CA SER A 363 3.78 8.58 -0.01
C SER A 363 2.50 7.74 -0.21
N GLN A 364 2.63 6.54 -0.76
CA GLN A 364 1.45 5.72 -1.08
C GLN A 364 0.53 5.58 0.11
N GLY A 365 -0.75 5.90 -0.09
CA GLY A 365 -1.75 5.74 0.95
C GLY A 365 -1.85 6.89 1.93
N LEU A 366 -0.97 7.88 1.84
CA LEU A 366 -0.95 9.01 2.77
C LEU A 366 -1.69 10.23 2.24
N THR A 367 -2.09 11.09 3.18
CA THR A 367 -2.76 12.37 2.89
C THR A 367 -1.89 13.53 3.34
N PHE A 368 -1.77 14.55 2.49
CA PHE A 368 -1.04 15.78 2.83
C PHE A 368 -1.89 17.00 2.49
N ASP A 369 -1.65 18.10 3.20
CA ASP A 369 -2.34 19.36 2.93
C ASP A 369 -1.62 20.21 1.90
N LYS A 370 -0.30 20.12 1.87
CA LYS A 370 0.54 20.93 0.99
C LYS A 370 1.67 20.10 0.41
N ILE A 371 1.73 20.02 -0.92
CA ILE A 371 2.75 19.22 -1.59
C ILE A 371 3.41 20.00 -2.71
N ILE A 372 4.69 19.73 -2.91
CA ILE A 372 5.43 20.19 -4.08
C ILE A 372 5.80 18.96 -4.89
N ILE A 373 5.28 18.87 -6.12
CA ILE A 373 5.56 17.74 -6.98
C ILE A 373 6.73 18.09 -7.89
N HIS A 374 7.78 17.30 -7.79
CA HIS A 374 8.93 17.42 -8.67
C HIS A 374 8.63 16.55 -9.88
N VAL A 375 8.30 17.17 -10.99
CA VAL A 375 7.88 16.40 -12.15
C VAL A 375 9.05 15.68 -12.80
N SER A 376 8.74 14.68 -13.61
CA SER A 376 9.75 13.88 -14.27
C SER A 376 9.32 13.62 -15.71
N HIS A 377 10.29 13.49 -16.60
CA HIS A 377 10.01 13.12 -17.98
C HIS A 377 10.11 11.62 -18.17
N THR A 378 10.33 10.89 -17.08
CA THR A 378 10.39 9.43 -17.13
C THR A 378 9.51 8.80 -16.06
N PHE A 379 8.33 9.38 -15.81
CA PHE A 379 7.37 8.77 -14.90
C PHE A 379 6.98 7.40 -15.41
N CYS A 380 6.64 6.51 -14.48
CA CYS A 380 6.03 5.22 -14.79
C CYS A 380 4.52 5.32 -14.58
N PRO A 381 3.76 4.32 -15.04
CA PRO A 381 2.30 4.40 -14.90
C PRO A 381 1.87 4.61 -13.46
N GLY A 382 0.97 5.57 -13.27
CA GLY A 382 0.36 5.81 -11.99
C GLY A 382 1.11 6.77 -11.09
N GLN A 383 2.37 7.09 -11.40
CA GLN A 383 3.18 7.85 -10.47
C GLN A 383 2.68 9.29 -10.29
N LEU A 384 2.39 9.98 -11.39
CA LEU A 384 1.86 11.33 -11.28
C LEU A 384 0.50 11.32 -10.55
N TYR A 385 -0.34 10.34 -10.88
CA TYR A 385 -1.64 10.20 -10.23
C TYR A 385 -1.50 10.04 -8.72
N VAL A 386 -0.58 9.18 -8.28
CA VAL A 386 -0.34 9.01 -6.86
C VAL A 386 0.08 10.34 -6.25
N ALA A 387 1.04 11.03 -6.87
CA ALA A 387 1.51 12.30 -6.32
C ALA A 387 0.38 13.32 -6.17
N LEU A 388 -0.38 13.54 -7.23
CA LEU A 388 -1.46 14.54 -7.19
C LEU A 388 -2.52 14.17 -6.18
N SER A 389 -2.85 12.88 -6.10
CA SER A 389 -3.97 12.44 -5.28
C SER A 389 -3.62 12.33 -3.79
N ARG A 390 -2.39 12.67 -3.42
CA ARG A 390 -2.05 12.78 -2.00
C ARG A 390 -2.69 14.00 -1.35
N CYS A 391 -2.95 15.05 -2.14
CA CYS A 391 -3.34 16.33 -1.56
C CYS A 391 -4.85 16.48 -1.41
N ARG A 392 -5.28 17.12 -0.31
CA ARG A 392 -6.72 17.29 -0.06
C ARG A 392 -7.37 18.28 -1.02
N THR A 393 -6.64 19.31 -1.43
CA THR A 393 -7.20 20.37 -2.28
C THR A 393 -6.22 20.78 -3.37
N LEU A 394 -6.75 21.32 -4.46
CA LEU A 394 -5.93 21.85 -5.55
C LEU A 394 -5.00 22.95 -5.08
N GLU A 395 -5.48 23.81 -4.20
CA GLU A 395 -4.72 24.96 -3.74
C GLU A 395 -3.43 24.53 -3.02
N GLY A 396 -3.43 23.34 -2.46
CA GLY A 396 -2.28 22.84 -1.72
C GLY A 396 -1.17 22.26 -2.59
N ILE A 397 -1.41 22.16 -3.90
CA ILE A 397 -0.45 21.56 -4.81
C ILE A 397 0.35 22.61 -5.56
N VAL A 398 1.67 22.44 -5.53
CA VAL A 398 2.59 23.21 -6.35
C VAL A 398 3.42 22.22 -7.16
N SER A 399 3.75 22.57 -8.40
CA SER A 399 4.70 21.78 -9.19
C SER A 399 5.89 22.65 -9.62
N ASP A 400 7.01 22.02 -9.93
CA ASP A 400 8.22 22.75 -10.33
C ASP A 400 8.28 22.99 -11.84
N ALA A 401 7.35 22.39 -12.58
CA ALA A 401 7.23 22.60 -14.01
C ALA A 401 5.81 22.24 -14.40
N PHE A 402 5.38 22.60 -15.60
CA PHE A 402 4.03 22.30 -16.04
C PHE A 402 3.83 20.80 -16.16
N ILE A 403 2.69 20.33 -15.68
CA ILE A 403 2.31 18.95 -15.87
C ILE A 403 1.80 18.80 -17.30
N THR A 404 2.17 17.71 -17.96
CA THR A 404 1.75 17.46 -19.35
C THR A 404 1.32 16.02 -19.58
N LYS A 405 0.74 15.76 -20.75
CA LYS A 405 0.25 14.43 -21.09
C LYS A 405 1.36 13.40 -21.16
N GLN A 406 2.59 13.86 -21.40
CA GLN A 406 3.71 12.94 -21.45
C GLN A 406 3.95 12.26 -20.09
N MET A 407 3.43 12.88 -19.03
CA MET A 407 3.65 12.38 -17.67
C MET A 407 2.63 11.34 -17.25
N ILE A 408 1.62 11.11 -18.10
CA ILE A 408 0.57 10.12 -17.86
C ILE A 408 0.75 8.93 -18.79
N ILE A 409 1.45 7.91 -18.32
CA ILE A 409 1.73 6.71 -19.12
C ILE A 409 0.60 5.71 -18.96
N PRO A 410 -0.07 5.33 -20.06
CA PRO A 410 -1.16 4.35 -19.91
C PRO A 410 -0.68 2.90 -19.81
N GLU A 411 -1.46 2.09 -19.10
CA GLU A 411 -1.36 0.62 -19.13
C GLU A 411 -2.66 0.12 -19.70
N TYR A 412 -2.69 -0.19 -20.99
CA TYR A 412 -3.96 -0.52 -21.62
C TYR A 412 -4.50 -1.87 -21.12
N ALA A 413 -3.63 -2.73 -20.60
CA ALA A 413 -4.11 -3.98 -20.01
C ALA A 413 -5.06 -3.69 -18.84
N LEU A 414 -4.81 -2.61 -18.13
CA LEU A 414 -5.66 -2.25 -16.99
C LEU A 414 -6.99 -1.67 -17.45
N ILE A 415 -6.96 -0.88 -18.52
CA ILE A 415 -8.18 -0.38 -19.13
C ILE A 415 -9.04 -1.55 -19.59
N ASP A 416 -8.41 -2.52 -20.27
CA ASP A 416 -9.13 -3.68 -20.78
C ASP A 416 -9.71 -4.54 -19.66
N PHE A 417 -8.95 -4.70 -18.58
CA PHE A 417 -9.40 -5.50 -17.43
C PHE A 417 -10.66 -4.89 -16.82
N GLU A 418 -10.63 -3.59 -16.58
CA GLU A 418 -11.79 -2.89 -16.05
C GLU A 418 -13.01 -3.06 -16.95
N ARG A 419 -12.83 -2.88 -18.26
CA ARG A 419 -13.93 -3.04 -19.19
C ARG A 419 -14.46 -4.48 -19.18
N ALA A 420 -13.54 -5.43 -19.14
CA ALA A 420 -13.91 -6.85 -19.15
C ALA A 420 -14.77 -7.21 -17.95
N TYR A 421 -14.33 -6.87 -16.75
CA TYR A 421 -15.11 -7.29 -15.60
C TYR A 421 -16.44 -6.56 -15.50
N LYS A 422 -16.48 -5.31 -15.94
CA LYS A 422 -17.74 -4.59 -15.94
C LYS A 422 -18.74 -5.22 -16.90
N SER A 423 -18.26 -5.74 -18.02
CA SER A 423 -19.13 -6.34 -19.02
C SER A 423 -19.70 -7.68 -18.57
N GLU A 424 -19.11 -8.26 -17.53
CA GLU A 424 -19.54 -9.55 -17.00
C GLU A 424 -20.17 -9.44 -15.61
N GLY A 425 -20.82 -8.31 -15.34
CA GLY A 425 -21.53 -8.14 -14.09
C GLY A 425 -20.59 -7.95 -12.90
N ASN A 426 -19.51 -7.22 -13.12
CA ASN A 426 -18.49 -6.98 -12.11
C ASN A 426 -17.93 -8.29 -11.56
N TYR A 427 -17.47 -9.13 -12.48
CA TYR A 427 -16.91 -10.43 -12.15
C TYR A 427 -15.83 -10.73 -13.17
N TYR A 428 -14.77 -11.40 -12.73
CA TYR A 428 -13.67 -11.78 -13.61
C TYR A 428 -13.29 -13.22 -13.34
N GLY A 429 -13.07 -13.98 -14.41
CA GLY A 429 -12.67 -15.36 -14.30
C GLY A 429 -13.82 -16.33 -14.48
N LYS A 430 -13.58 -17.57 -14.08
CA LYS A 430 -14.59 -18.61 -14.28
C LYS A 430 -15.70 -18.48 -13.26
N ARG A 431 -16.94 -18.52 -13.74
CA ARG A 431 -18.11 -18.49 -12.87
C ARG A 431 -18.40 -19.86 -12.29
N LEU A 432 -18.15 -20.88 -12.95
#